data_6JEX
#
_entry.id   6JEX
#
_cell.length_a   40.176
_cell.length_b   40.176
_cell.length_c   187.645
_cell.angle_alpha   90.000
_cell.angle_beta   90.000
_cell.angle_gamma   120.000
#
_symmetry.space_group_name_H-M   'P 32'
#
loop_
_entity.id
_entity.type
_entity.pdbx_description
1 polymer 'Peptide deformylase'
2 non-polymer 'ZINC ION'
3 non-polymer L-[(N-HYDROXYAMINO)CARBONYL]PHENYLALANINE
4 water water
#
_entity_poly.entity_id   1
_entity_poly.type   'polypeptide(L)'
_entity_poly.pdbx_seq_one_letter_code
;ALLPILSFPDPRLRTIAKPVEEVTDEIRQLAADMFETMYAAPGIGLAASQVDRHIQLIVMDLSESKDEPMVFINPKVTPL
TEETQPYEEGCLSVPQIYDKVDRPSRVKIEAINLEGQAFEIEADGLLAVCIQHEMDHLNGKLFVDYLSPLKRQRAREKVE
KIVRQREREKVA
;
_entity_poly.pdbx_strand_id   A,B
#
loop_
_chem_comp.id
_chem_comp.type
_chem_comp.name
_chem_comp.formula
LHY non-polymer L-[(N-HYDROXYAMINO)CARBONYL]PHENYLALANINE 'C10 H12 N2 O4'
ZN non-polymer 'ZINC ION' 'Zn 2'
#
# COMPACT_ATOMS: atom_id res chain seq x y z
N ALA A 1 -20.42 -6.37 20.58
CA ALA A 1 -21.22 -5.64 19.54
C ALA A 1 -20.36 -4.74 18.62
N LEU A 2 -19.48 -3.94 19.24
CA LEU A 2 -18.66 -2.94 18.55
C LEU A 2 -17.27 -3.48 18.32
N LEU A 3 -16.46 -2.89 17.43
CA LEU A 3 -15.10 -3.40 17.25
C LEU A 3 -14.17 -2.88 18.34
N PRO A 4 -13.29 -3.78 18.86
CA PRO A 4 -12.33 -3.37 19.88
C PRO A 4 -11.28 -2.43 19.25
N ILE A 5 -10.96 -1.35 19.96
CA ILE A 5 -9.93 -0.38 19.56
C ILE A 5 -8.62 -0.70 20.31
N LEU A 6 -7.54 -0.88 19.59
CA LEU A 6 -6.20 -1.08 20.23
C LEU A 6 -5.73 0.17 20.96
N SER A 7 -5.06 -0.06 22.10
CA SER A 7 -4.56 0.97 23.00
C SER A 7 -3.02 0.98 23.06
N PHE A 8 -2.45 2.17 22.97
CA PHE A 8 -1.05 2.47 23.22
C PHE A 8 -0.64 1.84 24.59
N PRO A 9 0.50 1.11 24.73
CA PRO A 9 1.54 0.85 23.72
C PRO A 9 1.41 -0.48 22.95
N ASP A 10 0.20 -0.92 22.62
CA ASP A 10 0.05 -2.18 21.87
C ASP A 10 0.96 -2.12 20.63
N PRO A 11 1.88 -3.11 20.46
CA PRO A 11 2.81 -3.05 19.30
C PRO A 11 2.14 -3.17 17.92
N ARG A 12 0.93 -3.71 17.85
CA ARG A 12 0.24 -3.78 16.56
C ARG A 12 -0.15 -2.40 15.99
N LEU A 13 -0.14 -1.34 16.81
CA LEU A 13 -0.42 0.02 16.32
C LEU A 13 0.72 0.54 15.46
N ARG A 14 1.87 -0.13 15.52
CA ARG A 14 3.04 0.23 14.72
C ARG A 14 3.06 -0.48 13.37
N THR A 15 2.12 -1.33 13.04
CA THR A 15 2.05 -1.95 11.72
C THR A 15 1.77 -0.90 10.59
N ILE A 16 2.46 -1.04 9.45
CA ILE A 16 2.32 -0.21 8.27
C ILE A 16 1.25 -0.93 7.55
N ALA A 17 0.17 -0.22 7.21
CA ALA A 17 -0.99 -0.84 6.54
C ALA A 17 -0.75 -1.06 5.04
N LYS A 18 -1.45 -2.05 4.50
CA LYS A 18 -1.38 -2.48 3.09
C LYS A 18 -2.48 -1.77 2.32
N PRO A 19 -2.23 -1.41 1.03
CA PRO A 19 -3.31 -0.92 0.18
C PRO A 19 -4.53 -1.81 0.11
N VAL A 20 -5.67 -1.18 -0.06
CA VAL A 20 -6.90 -1.93 -0.30
C VAL A 20 -6.90 -2.30 -1.79
N GLU A 21 -7.13 -3.59 -2.03
CA GLU A 21 -6.95 -4.25 -3.33
C GLU A 21 -8.21 -3.98 -4.17
N GLU A 22 -9.38 -4.20 -3.56
CA GLU A 22 -10.63 -3.81 -4.13
C GLU A 22 -11.65 -3.53 -3.03
N VAL A 23 -12.50 -2.56 -3.30
CA VAL A 23 -13.52 -2.19 -2.36
C VAL A 23 -14.59 -3.25 -2.56
N THR A 24 -14.46 -4.32 -1.77
CA THR A 24 -15.39 -5.43 -1.77
C THR A 24 -16.45 -5.14 -0.74
N ASP A 25 -17.47 -5.98 -0.64
CA ASP A 25 -18.50 -5.77 0.37
C ASP A 25 -18.10 -6.10 1.81
N GLU A 26 -17.03 -6.89 1.98
CA GLU A 26 -16.38 -7.06 3.29
C GLU A 26 -15.60 -5.77 3.73
N ILE A 27 -14.93 -5.06 2.82
CA ILE A 27 -14.38 -3.74 3.22
C ILE A 27 -15.49 -2.70 3.49
N ARG A 28 -16.57 -2.77 2.72
CA ARG A 28 -17.81 -2.04 3.06
C ARG A 28 -18.39 -2.30 4.48
N GLN A 29 -18.50 -3.57 4.86
CA GLN A 29 -18.98 -3.93 6.17
C GLN A 29 -18.00 -3.45 7.25
N LEU A 30 -16.70 -3.54 6.98
CA LEU A 30 -15.67 -3.14 7.95
C LEU A 30 -15.79 -1.64 8.19
N ALA A 31 -15.91 -0.86 7.09
CA ALA A 31 -16.13 0.57 7.20
C ALA A 31 -17.38 0.91 8.04
N ALA A 32 -18.47 0.21 7.82
CA ALA A 32 -19.66 0.43 8.61
C ALA A 32 -19.49 0.08 10.11
N ASP A 33 -18.78 -1.00 10.42
CA ASP A 33 -18.44 -1.34 11.84
C ASP A 33 -17.43 -0.30 12.45
N MET A 34 -16.50 0.18 11.62
CA MET A 34 -15.62 1.28 12.07
C MET A 34 -16.41 2.54 12.45
N PHE A 35 -17.34 2.92 11.59
CA PHE A 35 -18.23 4.05 11.93
C PHE A 35 -18.94 3.84 13.28
N GLU A 36 -19.57 2.67 13.47
CA GLU A 36 -20.33 2.43 14.76
C GLU A 36 -19.42 2.58 15.97
N THR A 37 -18.27 1.90 15.88
CA THR A 37 -17.22 1.96 16.89
C THR A 37 -16.78 3.40 17.17
N MET A 38 -16.46 4.14 16.11
CA MET A 38 -16.08 5.55 16.21
C MET A 38 -17.15 6.42 16.86
N TYR A 39 -18.38 6.27 16.37
CA TYR A 39 -19.49 7.09 16.86
C TYR A 39 -19.82 6.77 18.32
N ALA A 40 -19.79 5.49 18.69
CA ALA A 40 -19.96 5.06 20.08
C ALA A 40 -18.94 5.70 21.01
N ALA A 41 -17.67 5.78 20.60
CA ALA A 41 -16.60 6.14 21.55
C ALA A 41 -16.85 7.32 22.52
N PRO A 42 -17.22 8.53 22.06
CA PRO A 42 -17.27 8.95 20.67
C PRO A 42 -15.93 9.48 20.12
N GLY A 43 -15.71 9.33 18.82
CA GLY A 43 -14.56 9.98 18.13
C GLY A 43 -14.96 10.60 16.78
N ILE A 44 -14.03 11.32 16.17
CA ILE A 44 -14.24 11.94 14.84
C ILE A 44 -13.38 11.35 13.76
N GLY A 45 -12.50 10.41 14.09
CA GLY A 45 -11.58 9.78 13.14
C GLY A 45 -11.21 8.39 13.66
N LEU A 46 -11.17 7.41 12.79
CA LEU A 46 -10.62 6.12 13.12
C LEU A 46 -10.01 5.49 11.89
N ALA A 47 -8.78 4.99 12.04
CA ALA A 47 -8.06 4.30 10.97
C ALA A 47 -8.22 2.79 11.22
N ALA A 48 -8.19 2.02 10.14
CA ALA A 48 -8.44 0.61 10.27
C ALA A 48 -7.34 -0.11 11.12
N SER A 49 -6.13 0.46 11.12
CA SER A 49 -5.05 0.02 12.01
C SER A 49 -5.48 -0.06 13.47
N GLN A 50 -6.34 0.88 13.91
CA GLN A 50 -6.79 0.97 15.28
C GLN A 50 -7.75 -0.15 15.73
N VAL A 51 -8.39 -0.83 14.78
CA VAL A 51 -9.19 -2.04 15.05
C VAL A 51 -8.49 -3.32 14.63
N ASP A 52 -7.17 -3.26 14.47
CA ASP A 52 -6.32 -4.37 14.10
C ASP A 52 -6.67 -4.96 12.75
N ARG A 53 -6.95 -4.08 11.79
CA ARG A 53 -7.14 -4.44 10.38
C ARG A 53 -6.17 -3.59 9.58
N HIS A 54 -5.02 -4.17 9.21
CA HIS A 54 -3.89 -3.40 8.66
C HIS A 54 -3.95 -3.00 7.17
N ILE A 55 -4.97 -2.19 6.89
CA ILE A 55 -5.44 -1.84 5.55
C ILE A 55 -5.54 -0.29 5.46
N GLN A 56 -5.31 0.28 4.28
CA GLN A 56 -5.47 1.71 4.11
C GLN A 56 -6.97 2.13 3.96
N LEU A 57 -7.64 2.19 5.12
CA LEU A 57 -9.03 2.57 5.25
C LEU A 57 -9.20 3.53 6.47
N ILE A 58 -9.79 4.70 6.23
CA ILE A 58 -10.00 5.69 7.27
C ILE A 58 -11.47 6.14 7.24
N VAL A 59 -12.12 6.19 8.39
CA VAL A 59 -13.51 6.73 8.50
C VAL A 59 -13.39 7.95 9.38
N MET A 60 -14.28 8.89 9.13
CA MET A 60 -14.18 10.24 9.69
C MET A 60 -15.57 10.88 9.66
N ASP A 61 -15.89 11.69 10.66
CA ASP A 61 -17.09 12.55 10.62
C ASP A 61 -16.75 13.68 11.56
N LEU A 62 -16.53 14.87 11.00
CA LEU A 62 -16.10 15.99 11.80
C LEU A 62 -17.28 16.80 12.35
N SER A 63 -18.53 16.37 12.12
CA SER A 63 -19.72 17.23 12.35
C SER A 63 -20.33 17.08 13.73
N GLU A 64 -20.77 18.20 14.29
CA GLU A 64 -21.55 18.23 15.55
C GLU A 64 -22.66 17.20 15.56
N SER A 65 -23.31 16.99 14.40
CA SER A 65 -24.51 16.16 14.34
C SER A 65 -24.33 14.66 14.09
N LYS A 66 -23.08 14.17 13.99
CA LYS A 66 -22.76 12.77 13.61
C LYS A 66 -23.39 12.38 12.29
N ASP A 67 -23.45 13.32 11.35
CA ASP A 67 -24.26 13.12 10.14
C ASP A 67 -23.55 13.44 8.83
N GLU A 68 -22.23 13.60 8.88
CA GLU A 68 -21.43 13.98 7.75
C GLU A 68 -20.26 12.98 7.62
N PRO A 69 -20.58 11.70 7.41
CA PRO A 69 -19.53 10.71 7.28
C PRO A 69 -18.65 10.77 5.98
N MET A 70 -17.35 10.47 6.10
CA MET A 70 -16.39 10.47 4.98
C MET A 70 -15.55 9.25 5.08
N VAL A 71 -15.18 8.66 3.93
CA VAL A 71 -14.25 7.52 3.86
C VAL A 71 -13.08 7.84 2.97
N PHE A 72 -11.91 7.42 3.41
CA PHE A 72 -10.67 7.59 2.62
C PHE A 72 -10.06 6.18 2.50
N ILE A 73 -9.96 5.69 1.27
CA ILE A 73 -9.31 4.44 1.01
C ILE A 73 -8.10 4.73 0.15
N ASN A 74 -7.01 4.04 0.50
CA ASN A 74 -5.69 4.24 -0.10
C ASN A 74 -5.28 5.67 -0.26
N PRO A 75 -5.30 6.44 0.83
CA PRO A 75 -5.09 7.91 0.62
C PRO A 75 -3.63 8.37 0.40
N LYS A 76 -3.51 9.45 -0.35
CA LYS A 76 -2.26 10.18 -0.51
C LYS A 76 -2.51 11.57 -0.03
N VAL A 77 -1.69 12.04 0.88
CA VAL A 77 -1.85 13.39 1.42
C VAL A 77 -0.58 14.20 1.13
N THR A 78 -0.72 15.31 0.43
CA THR A 78 0.47 16.14 0.24
C THR A 78 0.27 17.55 0.76
N PRO A 79 1.20 18.02 1.62
CA PRO A 79 1.05 19.38 2.11
C PRO A 79 1.12 20.40 0.96
N LEU A 80 0.41 21.51 1.12
CA LEU A 80 0.40 22.61 0.16
C LEU A 80 1.04 23.89 0.74
N THR A 81 1.83 23.76 1.81
CA THR A 81 2.47 24.90 2.48
C THR A 81 3.33 24.44 3.63
N GLU A 82 4.34 25.25 3.95
CA GLU A 82 5.16 25.06 5.13
C GLU A 82 4.51 25.62 6.38
N GLU A 83 3.50 26.48 6.23
CA GLU A 83 2.77 27.01 7.39
C GLU A 83 2.10 25.86 8.17
N THR A 84 2.26 25.88 9.48
CA THR A 84 1.61 24.92 10.34
C THR A 84 0.57 25.63 11.19
N GLN A 85 -0.19 24.84 11.92
CA GLN A 85 -1.22 25.30 12.84
C GLN A 85 -1.13 24.36 14.07
N PRO A 86 -1.13 24.93 15.27
CA PRO A 86 -1.25 24.03 16.42
C PRO A 86 -2.66 23.50 16.58
N TYR A 87 -2.78 22.28 17.06
CA TYR A 87 -4.06 21.76 17.41
C TYR A 87 -3.85 20.78 18.58
N GLU A 88 -4.72 20.84 19.56
CA GLU A 88 -4.73 19.92 20.63
C GLU A 88 -5.43 18.63 20.10
N GLU A 89 -4.66 17.57 19.87
CA GLU A 89 -5.17 16.28 19.29
C GLU A 89 -5.41 15.24 20.35
N GLY A 90 -6.44 14.42 20.14
CA GLY A 90 -6.65 13.20 20.86
C GLY A 90 -6.72 12.04 19.87
N CYS A 91 -6.96 10.85 20.43
CA CYS A 91 -6.86 9.60 19.73
C CYS A 91 -7.60 8.55 20.53
N LEU A 92 -8.47 7.79 19.89
CA LEU A 92 -9.18 6.71 20.55
C LEU A 92 -8.21 5.59 20.96
N SER A 93 -7.02 5.56 20.36
CA SER A 93 -6.04 4.53 20.71
C SER A 93 -5.05 5.06 21.75
N VAL A 94 -5.25 6.30 22.18
CA VAL A 94 -4.50 6.87 23.32
C VAL A 94 -5.58 7.48 24.21
N PRO A 95 -6.44 6.63 24.75
CA PRO A 95 -7.67 7.17 25.32
C PRO A 95 -7.52 8.21 26.44
N GLN A 96 -8.34 9.26 26.32
CA GLN A 96 -8.43 10.36 27.28
C GLN A 96 -7.17 11.20 27.42
N ILE A 97 -6.15 11.08 26.53
CA ILE A 97 -4.93 11.93 26.50
C ILE A 97 -5.04 12.90 25.34
N TYR A 98 -4.78 14.19 25.61
CA TYR A 98 -4.77 15.26 24.61
C TYR A 98 -3.52 16.15 24.75
N ASP A 99 -2.88 16.47 23.63
CA ASP A 99 -1.77 17.42 23.64
C ASP A 99 -1.63 18.14 22.31
N LYS A 100 -0.77 19.17 22.31
CA LYS A 100 -0.56 20.02 21.11
C LYS A 100 0.40 19.39 20.06
N VAL A 101 -0.05 19.37 18.81
CA VAL A 101 0.78 18.98 17.66
C VAL A 101 0.65 20.09 16.60
N ASP A 102 1.72 20.23 15.84
CA ASP A 102 1.84 21.27 14.81
C ASP A 102 2.03 20.49 13.51
N ARG A 103 1.12 20.69 12.57
CA ARG A 103 1.18 20.03 11.27
C ARG A 103 0.91 21.07 10.20
N PRO A 104 1.43 20.84 8.97
CA PRO A 104 1.09 21.66 7.80
C PRO A 104 -0.38 22.02 7.74
N SER A 105 -0.71 23.30 7.52
CA SER A 105 -2.09 23.85 7.65
C SER A 105 -3.04 23.60 6.50
N ARG A 106 -2.50 23.16 5.38
CA ARG A 106 -3.30 23.00 4.18
C ARG A 106 -2.75 21.83 3.44
N VAL A 107 -3.62 20.96 2.94
CA VAL A 107 -3.12 19.78 2.26
C VAL A 107 -4.03 19.39 1.14
N LYS A 108 -3.51 18.60 0.22
CA LYS A 108 -4.28 17.97 -0.84
C LYS A 108 -4.49 16.51 -0.45
N ILE A 109 -5.72 16.01 -0.61
CA ILE A 109 -6.08 14.63 -0.36
C ILE A 109 -6.58 13.96 -1.63
N GLU A 110 -5.95 12.85 -2.01
CA GLU A 110 -6.39 11.96 -3.08
C GLU A 110 -6.65 10.62 -2.49
N ALA A 111 -7.86 10.09 -2.66
CA ALA A 111 -8.23 8.79 -2.10
C ALA A 111 -9.36 8.21 -2.95
N ILE A 112 -9.79 7.01 -2.64
CA ILE A 112 -11.00 6.49 -3.25
C ILE A 112 -12.07 6.28 -2.20
N ASN A 113 -13.33 6.27 -2.65
CA ASN A 113 -14.46 6.14 -1.77
C ASN A 113 -14.97 4.68 -1.72
N LEU A 114 -16.08 4.46 -1.04
CA LEU A 114 -16.67 3.11 -0.91
C LEU A 114 -17.24 2.51 -2.21
N GLU A 115 -17.28 3.29 -3.31
CA GLU A 115 -17.67 2.84 -4.64
C GLU A 115 -16.48 2.58 -5.56
N GLY A 116 -15.27 2.84 -5.09
CA GLY A 116 -14.09 2.71 -5.95
C GLY A 116 -13.78 3.92 -6.81
N GLN A 117 -14.57 4.99 -6.73
CA GLN A 117 -14.24 6.27 -7.35
C GLN A 117 -13.11 7.01 -6.68
N ALA A 118 -12.21 7.53 -7.50
CA ALA A 118 -11.18 8.46 -7.06
C ALA A 118 -11.70 9.88 -6.83
N PHE A 119 -11.09 10.58 -5.89
CA PHE A 119 -11.37 11.96 -5.63
C PHE A 119 -10.15 12.68 -5.18
N GLU A 120 -10.21 13.99 -5.31
CA GLU A 120 -9.08 14.86 -4.93
C GLU A 120 -9.63 16.13 -4.36
N ILE A 121 -9.29 16.42 -3.12
CA ILE A 121 -9.79 17.63 -2.47
C ILE A 121 -8.66 18.32 -1.76
N GLU A 122 -8.88 19.58 -1.40
CA GLU A 122 -7.90 20.31 -0.64
C GLU A 122 -8.56 20.63 0.67
N ALA A 123 -7.78 20.57 1.73
CA ALA A 123 -8.27 20.63 3.10
C ALA A 123 -7.42 21.60 3.92
N ASP A 124 -8.09 22.39 4.75
CA ASP A 124 -7.43 23.19 5.80
C ASP A 124 -8.19 22.85 7.08
N GLY A 125 -7.89 23.57 8.17
CA GLY A 125 -8.66 23.47 9.39
C GLY A 125 -8.62 22.07 9.98
N LEU A 126 -9.76 21.64 10.51
CA LEU A 126 -9.90 20.42 11.23
C LEU A 126 -9.64 19.22 10.28
N LEU A 127 -10.19 19.29 9.06
CA LEU A 127 -9.92 18.27 8.02
C LEU A 127 -8.43 17.96 7.81
N ALA A 128 -7.61 19.00 7.59
CA ALA A 128 -6.19 18.83 7.42
C ALA A 128 -5.46 18.18 8.62
N VAL A 129 -5.85 18.58 9.82
CA VAL A 129 -5.33 18.00 11.10
C VAL A 129 -5.67 16.51 11.07
N CYS A 130 -6.95 16.21 10.85
CA CYS A 130 -7.51 14.88 11.07
C CYS A 130 -7.01 13.88 10.06
N ILE A 131 -6.94 14.28 8.79
CA ILE A 131 -6.47 13.37 7.74
C ILE A 131 -4.97 13.03 7.91
N GLN A 132 -4.19 13.99 8.41
CA GLN A 132 -2.77 13.79 8.62
C GLN A 132 -2.54 12.85 9.82
N HIS A 133 -3.33 13.04 10.87
CA HIS A 133 -3.34 12.15 12.07
C HIS A 133 -3.68 10.74 11.65
N GLU A 134 -4.72 10.61 10.83
CA GLU A 134 -5.17 9.27 10.47
C GLU A 134 -4.20 8.58 9.49
N MET A 135 -3.66 9.34 8.53
CA MET A 135 -2.59 8.84 7.65
C MET A 135 -1.39 8.30 8.46
N ASP A 136 -1.04 9.00 9.52
CA ASP A 136 0.02 8.57 10.41
C ASP A 136 -0.26 7.17 10.98
N HIS A 137 -1.50 6.87 11.37
CA HIS A 137 -1.89 5.49 11.81
C HIS A 137 -1.50 4.37 10.83
N LEU A 138 -1.74 4.66 9.55
CA LEU A 138 -1.49 3.73 8.49
C LEU A 138 0.03 3.56 8.23
N ASN A 139 0.88 4.46 8.72
CA ASN A 139 2.32 4.26 8.65
C ASN A 139 2.89 3.86 10.06
N GLY A 140 2.05 3.33 10.94
CA GLY A 140 2.47 2.87 12.26
C GLY A 140 2.83 3.95 13.24
N LYS A 141 2.40 5.19 12.99
CA LYS A 141 2.70 6.34 13.85
C LYS A 141 1.51 6.87 14.69
N LEU A 142 1.80 7.30 15.91
CA LEU A 142 0.83 7.85 16.84
C LEU A 142 1.20 9.29 17.15
N PHE A 143 0.21 10.14 17.47
CA PHE A 143 0.50 11.57 17.80
C PHE A 143 1.41 11.81 19.02
N VAL A 144 1.42 10.84 19.94
CA VAL A 144 2.35 10.89 21.08
C VAL A 144 3.83 10.82 20.61
N ASP A 145 4.10 10.36 19.39
CA ASP A 145 5.50 10.29 18.88
C ASP A 145 6.15 11.63 18.64
N TYR A 146 5.34 12.66 18.48
CA TYR A 146 5.79 14.04 18.32
C TYR A 146 5.97 14.75 19.68
N LEU A 147 5.66 14.10 20.82
CA LEU A 147 5.81 14.76 22.13
C LEU A 147 7.18 14.37 22.72
N SER A 148 7.59 15.10 23.75
CA SER A 148 8.80 14.74 24.50
C SER A 148 8.60 13.33 25.13
N PRO A 149 9.72 12.60 25.39
CA PRO A 149 9.67 11.28 26.01
C PRO A 149 8.98 11.20 27.38
N LEU A 150 9.06 12.24 28.18
CA LEU A 150 8.39 12.23 29.51
C LEU A 150 6.86 12.29 29.37
N LYS A 151 6.39 13.11 28.43
CA LYS A 151 4.95 13.26 28.10
C LYS A 151 4.35 11.95 27.49
N ARG A 152 5.12 11.32 26.61
CA ARG A 152 4.85 9.99 26.07
C ARG A 152 4.79 8.94 27.17
N GLN A 153 5.81 8.94 28.03
CA GLN A 153 5.87 8.03 29.21
C GLN A 153 4.67 8.18 30.17
N ARG A 154 4.38 9.41 30.56
CA ARG A 154 3.17 9.73 31.34
C ARG A 154 1.88 9.27 30.67
N ALA A 155 1.81 9.47 29.35
CA ALA A 155 0.65 9.08 28.54
C ALA A 155 0.45 7.58 28.58
N ARG A 156 1.52 6.84 28.37
CA ARG A 156 1.53 5.40 28.54
C ARG A 156 1.07 4.87 29.93
N GLU A 157 1.51 5.50 30.99
CA GLU A 157 1.16 5.08 32.35
C GLU A 157 -0.29 5.38 32.62
N LYS A 158 -0.75 6.53 32.16
CA LYS A 158 -2.14 6.91 32.33
C LYS A 158 -3.07 5.98 31.51
N VAL A 159 -2.72 5.72 30.25
CA VAL A 159 -3.56 4.89 29.40
C VAL A 159 -3.72 3.47 30.00
N GLU A 160 -2.64 2.86 30.50
CA GLU A 160 -2.79 1.51 31.11
C GLU A 160 -3.77 1.55 32.27
N LYS A 161 -3.75 2.64 33.03
CA LYS A 161 -4.69 2.81 34.11
C LYS A 161 -6.13 2.90 33.64
N ILE A 162 -6.40 3.69 32.60
CA ILE A 162 -7.76 3.80 32.00
C ILE A 162 -8.21 2.48 31.43
N VAL A 163 -7.31 1.75 30.78
CA VAL A 163 -7.68 0.44 30.17
C VAL A 163 -8.01 -0.55 31.30
N ARG A 164 -7.23 -0.54 32.36
CA ARG A 164 -7.50 -1.36 33.54
C ARG A 164 -8.84 -0.97 34.19
N GLN A 165 -9.19 0.33 34.21
CA GLN A 165 -10.52 0.73 34.74
C GLN A 165 -11.63 0.31 33.84
N ARG A 166 -11.40 0.39 32.55
CA ARG A 166 -12.40 -0.11 31.61
C ARG A 166 -12.67 -1.62 31.77
N GLU A 167 -11.64 -2.41 31.97
CA GLU A 167 -11.87 -3.85 32.21
C GLU A 167 -12.66 -4.12 33.47
N ARG A 168 -12.30 -3.42 34.53
CA ARG A 168 -12.96 -3.54 35.84
C ARG A 168 -14.43 -3.12 35.78
N GLU A 169 -14.73 -2.09 34.99
CA GLU A 169 -16.07 -1.72 34.64
C GLU A 169 -16.90 -2.81 33.93
N LYS A 170 -16.28 -3.63 33.09
CA LYS A 170 -16.97 -4.80 32.53
C LYS A 170 -17.40 -5.92 33.53
N VAL A 171 -16.63 -6.10 34.59
CA VAL A 171 -16.91 -7.08 35.65
C VAL A 171 -18.06 -6.61 36.58
N ALA A 172 -18.07 -5.33 36.94
CA ALA A 172 -19.22 -4.73 37.61
C ALA A 172 -20.45 -4.86 36.73
N ALA B 1 11.77 -22.41 0.41
CA ALA B 1 10.34 -22.02 0.62
C ALA B 1 9.78 -21.39 -0.70
N LEU B 2 9.06 -20.27 -0.63
CA LEU B 2 8.72 -19.50 -1.84
C LEU B 2 10.01 -18.81 -2.28
N LEU B 3 10.14 -18.43 -3.56
CA LEU B 3 11.32 -17.66 -3.99
C LEU B 3 11.32 -16.25 -3.37
N PRO B 4 12.47 -15.81 -2.82
CA PRO B 4 12.52 -14.48 -2.24
C PRO B 4 12.46 -13.41 -3.37
N ILE B 5 11.68 -12.36 -3.17
CA ILE B 5 11.57 -11.24 -4.12
C ILE B 5 12.49 -10.10 -3.68
N LEU B 6 13.38 -9.66 -4.55
CA LEU B 6 14.26 -8.53 -4.22
C LEU B 6 13.46 -7.24 -4.07
N SER B 7 13.92 -6.36 -3.20
CA SER B 7 13.27 -5.08 -2.85
C SER B 7 14.15 -3.88 -3.19
N PHE B 8 13.57 -2.86 -3.83
CA PHE B 8 14.15 -1.54 -4.05
C PHE B 8 14.74 -1.04 -2.69
N PRO B 9 15.98 -0.54 -2.60
CA PRO B 9 16.88 -0.21 -3.72
C PRO B 9 17.97 -1.25 -4.02
N ASP B 10 17.63 -2.53 -3.95
CA ASP B 10 18.64 -3.58 -4.11
C ASP B 10 19.24 -3.35 -5.51
N PRO B 11 20.61 -3.19 -5.60
CA PRO B 11 21.23 -2.86 -6.90
C PRO B 11 21.08 -3.96 -7.96
N ARG B 12 20.87 -5.18 -7.52
CA ARG B 12 20.65 -6.30 -8.46
C ARG B 12 19.37 -6.14 -9.27
N LEU B 13 18.42 -5.26 -8.87
CA LEU B 13 17.22 -4.99 -9.73
C LEU B 13 17.58 -4.14 -10.98
N ARG B 14 18.79 -3.59 -11.01
CA ARG B 14 19.27 -2.81 -12.15
C ARG B 14 19.97 -3.67 -13.19
N THR B 15 20.11 -4.96 -12.95
CA THR B 15 20.70 -5.90 -13.92
C THR B 15 19.83 -6.07 -15.18
N ILE B 16 20.49 -6.00 -16.36
CA ILE B 16 19.87 -6.14 -17.66
C ILE B 16 19.90 -7.61 -17.89
N ALA B 17 18.74 -8.26 -17.95
CA ALA B 17 18.65 -9.75 -18.14
C ALA B 17 19.17 -10.22 -19.49
N LYS B 18 19.58 -11.48 -19.50
CA LYS B 18 20.08 -12.18 -20.69
C LYS B 18 18.96 -13.00 -21.33
N PRO B 19 18.94 -13.13 -22.69
CA PRO B 19 17.98 -14.06 -23.32
C PRO B 19 18.04 -15.50 -22.82
N VAL B 20 16.91 -16.18 -22.87
CA VAL B 20 16.87 -17.57 -22.46
C VAL B 20 17.40 -18.37 -23.63
N GLU B 21 18.29 -19.31 -23.33
CA GLU B 21 19.07 -20.14 -24.30
C GLU B 21 18.16 -21.19 -24.93
N GLU B 22 17.56 -21.99 -24.06
CA GLU B 22 16.61 -22.99 -24.44
C GLU B 22 15.61 -23.04 -23.32
N VAL B 23 14.35 -23.23 -23.67
CA VAL B 23 13.35 -23.49 -22.67
C VAL B 23 13.58 -24.92 -22.19
N THR B 24 14.42 -25.06 -21.16
CA THR B 24 14.80 -26.34 -20.54
C THR B 24 13.82 -26.66 -19.42
N ASP B 25 13.94 -27.85 -18.80
CA ASP B 25 13.10 -28.21 -17.66
C ASP B 25 13.40 -27.41 -16.38
N GLU B 26 14.65 -26.97 -16.27
CA GLU B 26 15.07 -26.03 -15.22
C GLU B 26 14.36 -24.64 -15.39
N ILE B 27 14.30 -24.08 -16.60
CA ILE B 27 13.54 -22.83 -16.78
C ILE B 27 12.03 -23.05 -16.61
N ARG B 28 11.54 -24.26 -16.92
CA ARG B 28 10.16 -24.64 -16.59
C ARG B 28 9.86 -24.67 -15.07
N GLN B 29 10.78 -25.20 -14.26
CA GLN B 29 10.59 -25.26 -12.82
C GLN B 29 10.68 -23.81 -12.23
N LEU B 30 11.61 -23.01 -12.74
CA LEU B 30 11.74 -21.59 -12.35
C LEU B 30 10.41 -20.86 -12.60
N ALA B 31 9.85 -21.01 -13.81
CA ALA B 31 8.55 -20.40 -14.09
C ALA B 31 7.46 -20.85 -13.09
N ALA B 32 7.42 -22.14 -12.79
CA ALA B 32 6.48 -22.68 -11.83
C ALA B 32 6.67 -22.06 -10.43
N ASP B 33 7.91 -21.93 -10.00
CA ASP B 33 8.24 -21.28 -8.70
C ASP B 33 7.94 -19.74 -8.73
N MET B 34 8.14 -19.13 -9.89
CA MET B 34 7.73 -17.73 -10.03
C MET B 34 6.25 -17.57 -9.88
N PHE B 35 5.47 -18.44 -10.50
CA PHE B 35 3.99 -18.36 -10.33
C PHE B 35 3.61 -18.52 -8.88
N GLU B 36 4.21 -19.49 -8.17
CA GLU B 36 3.82 -19.72 -6.73
C GLU B 36 4.10 -18.46 -5.87
N THR B 37 5.32 -17.94 -6.03
CA THR B 37 5.75 -16.68 -5.40
C THR B 37 4.79 -15.54 -5.69
N MET B 38 4.43 -15.39 -6.97
CA MET B 38 3.56 -14.31 -7.43
C MET B 38 2.16 -14.45 -6.87
N TYR B 39 1.60 -15.63 -6.98
CA TYR B 39 0.24 -15.88 -6.47
C TYR B 39 0.15 -15.69 -4.95
N ALA B 40 1.20 -16.11 -4.24
CA ALA B 40 1.27 -15.96 -2.80
C ALA B 40 1.35 -14.50 -2.36
N ALA B 41 2.03 -13.65 -3.13
CA ALA B 41 2.31 -12.28 -2.66
C ALA B 41 1.09 -11.50 -2.14
N PRO B 42 -0.04 -11.41 -2.86
CA PRO B 42 -0.24 -11.83 -4.24
C PRO B 42 0.15 -10.72 -5.19
N GLY B 43 0.50 -11.04 -6.43
CA GLY B 43 0.60 -10.02 -7.51
C GLY B 43 0.08 -10.58 -8.82
N ILE B 44 0.05 -9.73 -9.83
CA ILE B 44 -0.38 -10.13 -11.17
C ILE B 44 0.74 -10.24 -12.18
N GLY B 45 1.98 -9.89 -11.82
CA GLY B 45 3.13 -9.97 -12.72
C GLY B 45 4.41 -10.18 -11.94
N LEU B 46 5.35 -10.96 -12.48
CA LEU B 46 6.67 -11.07 -11.91
C LEU B 46 7.68 -11.35 -12.97
N ALA B 47 8.79 -10.59 -12.93
CA ALA B 47 9.91 -10.85 -13.86
C ALA B 47 10.98 -11.61 -13.12
N ALA B 48 11.74 -12.39 -13.87
CA ALA B 48 12.73 -13.28 -13.25
C ALA B 48 13.83 -12.45 -12.54
N SER B 49 14.09 -11.25 -13.06
CA SER B 49 14.99 -10.28 -12.44
C SER B 49 14.64 -10.09 -10.98
N GLN B 50 13.34 -10.06 -10.67
CA GLN B 50 12.87 -9.83 -9.34
C GLN B 50 13.14 -10.92 -8.29
N VAL B 51 13.38 -12.16 -8.74
CA VAL B 51 13.86 -13.29 -7.87
C VAL B 51 15.36 -13.58 -8.06
N ASP B 52 16.09 -12.61 -8.59
CA ASP B 52 17.54 -12.65 -8.76
C ASP B 52 17.96 -13.72 -9.77
N ARG B 53 17.12 -13.91 -10.79
CA ARG B 53 17.46 -14.76 -11.94
C ARG B 53 17.45 -13.87 -13.20
N HIS B 54 18.62 -13.45 -13.65
CA HIS B 54 18.70 -12.38 -14.66
C HIS B 54 18.52 -12.82 -16.13
N ILE B 55 17.30 -13.28 -16.40
CA ILE B 55 16.95 -14.02 -17.63
C ILE B 55 15.63 -13.46 -18.14
N GLN B 56 15.42 -13.48 -19.46
CA GLN B 56 14.25 -12.86 -20.04
C GLN B 56 13.02 -13.81 -19.94
N LEU B 57 12.44 -13.83 -18.74
CA LEU B 57 11.33 -14.65 -18.37
C LEU B 57 10.33 -13.86 -17.48
N ILE B 58 9.07 -13.85 -17.85
CA ILE B 58 8.04 -13.07 -17.15
C ILE B 58 6.85 -13.95 -16.98
N VAL B 59 6.28 -13.98 -15.77
CA VAL B 59 5.03 -14.72 -15.55
C VAL B 59 4.00 -13.69 -15.15
N MET B 60 2.75 -14.00 -15.42
CA MET B 60 1.65 -13.04 -15.36
C MET B 60 0.34 -13.81 -15.22
N ASP B 61 -0.58 -13.29 -14.43
CA ASP B 61 -1.98 -13.77 -14.45
C ASP B 61 -2.82 -12.54 -14.05
N LEU B 62 -3.56 -12.00 -15.01
CA LEU B 62 -4.31 -10.79 -14.77
C LEU B 62 -5.75 -11.09 -14.26
N SER B 63 -6.10 -12.35 -13.93
CA SER B 63 -7.51 -12.76 -13.67
C SER B 63 -7.88 -12.81 -12.20
N GLU B 64 -9.15 -12.50 -11.92
CA GLU B 64 -9.75 -12.62 -10.56
C GLU B 64 -9.50 -13.98 -9.97
N SER B 65 -9.71 -15.03 -10.78
CA SER B 65 -9.75 -16.38 -10.28
C SER B 65 -8.38 -16.98 -10.09
N LYS B 66 -7.33 -16.20 -10.45
CA LYS B 66 -5.95 -16.67 -10.48
C LYS B 66 -5.82 -17.93 -11.29
N ASP B 67 -6.53 -17.99 -12.42
CA ASP B 67 -6.50 -19.22 -13.27
C ASP B 67 -6.24 -18.98 -14.78
N GLU B 68 -5.75 -17.78 -15.13
CA GLU B 68 -5.33 -17.44 -16.51
C GLU B 68 -3.84 -17.13 -16.57
N PRO B 69 -3.00 -18.11 -16.27
CA PRO B 69 -1.58 -17.82 -16.29
C PRO B 69 -0.95 -17.65 -17.72
N MET B 70 0.03 -16.77 -17.86
CA MET B 70 0.71 -16.51 -19.16
C MET B 70 2.17 -16.42 -18.93
N VAL B 71 2.98 -16.89 -19.88
CA VAL B 71 4.45 -16.79 -19.81
C VAL B 71 4.97 -16.10 -21.03
N PHE B 72 5.93 -15.20 -20.80
CA PHE B 72 6.63 -14.52 -21.88
C PHE B 72 8.14 -14.80 -21.71
N ILE B 73 8.72 -15.41 -22.74
CA ILE B 73 10.14 -15.64 -22.79
C ILE B 73 10.73 -14.90 -23.97
N ASN B 74 11.89 -14.26 -23.72
CA ASN B 74 12.57 -13.38 -24.66
C ASN B 74 11.66 -12.42 -25.37
N PRO B 75 10.89 -11.63 -24.58
CA PRO B 75 9.85 -10.86 -25.28
C PRO B 75 10.35 -9.63 -26.05
N LYS B 76 9.62 -9.25 -27.08
CA LYS B 76 9.80 -7.96 -27.78
C LYS B 76 8.50 -7.28 -27.76
N VAL B 77 8.50 -6.07 -27.25
CA VAL B 77 7.30 -5.28 -27.10
C VAL B 77 7.40 -4.01 -27.98
N THR B 78 6.50 -3.85 -28.93
CA THR B 78 6.55 -2.62 -29.74
C THR B 78 5.25 -1.82 -29.63
N PRO B 79 5.37 -0.56 -29.20
CA PRO B 79 4.16 0.24 -29.11
C PRO B 79 3.50 0.41 -30.48
N LEU B 80 2.17 0.43 -30.52
CA LEU B 80 1.38 0.60 -31.74
C LEU B 80 0.59 1.95 -31.83
N THR B 81 1.09 2.97 -31.12
CA THR B 81 0.46 4.30 -31.03
C THR B 81 1.23 5.17 -30.06
N GLU B 82 1.07 6.50 -30.20
CA GLU B 82 1.61 7.49 -29.24
C GLU B 82 0.62 7.85 -28.15
N GLU B 83 -0.62 7.40 -28.28
CA GLU B 83 -1.61 7.53 -27.22
C GLU B 83 -1.17 6.72 -25.97
N THR B 84 -1.26 7.36 -24.80
CA THR B 84 -0.96 6.72 -23.55
C THR B 84 -2.24 6.65 -22.73
N GLN B 85 -2.12 6.02 -21.57
CA GLN B 85 -3.21 5.81 -20.66
C GLN B 85 -2.54 5.87 -19.28
N PRO B 86 -3.09 6.66 -18.35
CA PRO B 86 -2.52 6.57 -17.01
C PRO B 86 -2.94 5.30 -16.33
N TYR B 87 -2.05 4.72 -15.55
CA TYR B 87 -2.45 3.64 -14.72
C TYR B 87 -1.68 3.72 -13.42
N GLU B 88 -2.36 3.40 -12.33
CA GLU B 88 -1.81 3.41 -11.00
C GLU B 88 -1.09 2.03 -10.81
N GLU B 89 0.23 2.00 -10.98
CA GLU B 89 1.03 0.74 -10.92
C GLU B 89 1.58 0.49 -9.55
N GLY B 90 1.63 -0.79 -9.18
CA GLY B 90 2.43 -1.31 -8.10
C GLY B 90 3.42 -2.38 -8.58
N CYS B 91 4.09 -3.00 -7.61
CA CYS B 91 5.29 -3.80 -7.85
C CYS B 91 5.68 -4.59 -6.58
N LEU B 92 5.85 -5.90 -6.72
CA LEU B 92 6.28 -6.76 -5.62
C LEU B 92 7.69 -6.39 -5.17
N SER B 93 8.47 -5.71 -6.02
CA SER B 93 9.84 -5.30 -5.63
C SER B 93 9.86 -3.87 -5.09
N VAL B 94 8.69 -3.25 -5.00
CA VAL B 94 8.50 -1.91 -4.38
C VAL B 94 7.26 -2.06 -3.49
N PRO B 95 7.35 -2.94 -2.48
CA PRO B 95 6.12 -3.42 -1.84
C PRO B 95 5.27 -2.35 -1.17
N GLN B 96 3.96 -2.47 -1.40
CA GLN B 96 2.92 -1.57 -0.90
C GLN B 96 2.98 -0.13 -1.44
N ILE B 97 3.79 0.19 -2.46
CA ILE B 97 3.82 1.55 -3.06
C ILE B 97 3.06 1.48 -4.39
N TYR B 98 2.09 2.39 -4.59
CA TYR B 98 1.41 2.57 -5.88
C TYR B 98 1.43 4.04 -6.34
N ASP B 99 1.68 4.27 -7.63
CA ASP B 99 1.56 5.61 -8.20
C ASP B 99 1.24 5.54 -9.68
N LYS B 100 0.85 6.68 -10.26
CA LYS B 100 0.44 6.75 -11.68
C LYS B 100 1.61 6.80 -12.69
N VAL B 101 1.53 5.95 -13.71
CA VAL B 101 2.47 5.95 -14.85
C VAL B 101 1.64 6.01 -16.15
N ASP B 102 2.21 6.69 -17.12
CA ASP B 102 1.59 6.83 -18.44
C ASP B 102 2.53 6.08 -19.35
N ARG B 103 1.97 5.14 -20.08
CA ARG B 103 2.70 4.32 -21.03
C ARG B 103 1.80 4.21 -22.24
N PRO B 104 2.37 3.97 -23.43
CA PRO B 104 1.65 3.62 -24.65
C PRO B 104 0.47 2.70 -24.39
N SER B 105 -0.69 2.98 -24.98
CA SER B 105 -1.94 2.28 -24.64
C SER B 105 -2.16 0.98 -25.41
N ARG B 106 -1.36 0.75 -26.45
CA ARG B 106 -1.59 -0.40 -27.34
C ARG B 106 -0.24 -0.88 -27.78
N VAL B 107 0.01 -2.18 -27.67
CA VAL B 107 1.31 -2.73 -28.04
C VAL B 107 1.17 -4.09 -28.70
N LYS B 108 2.19 -4.47 -29.44
CA LYS B 108 2.34 -5.79 -29.99
C LYS B 108 3.41 -6.52 -29.14
N ILE B 109 3.19 -7.80 -28.81
CA ILE B 109 4.09 -8.59 -28.00
C ILE B 109 4.44 -9.81 -28.82
N GLU B 110 5.74 -10.05 -28.97
CA GLU B 110 6.31 -11.24 -29.58
C GLU B 110 7.18 -11.89 -28.56
N ALA B 111 6.94 -13.15 -28.23
CA ALA B 111 7.66 -13.86 -27.20
C ALA B 111 7.54 -15.34 -27.51
N ILE B 112 8.23 -16.17 -26.74
CA ILE B 112 8.01 -17.61 -26.83
C ILE B 112 7.40 -18.14 -25.54
N ASN B 113 6.70 -19.29 -25.63
CA ASN B 113 6.08 -19.92 -24.47
C ASN B 113 6.97 -21.00 -23.82
N LEU B 114 6.45 -21.67 -22.81
CA LEU B 114 7.18 -22.77 -22.13
C LEU B 114 7.47 -24.03 -22.98
N GLU B 115 6.89 -24.10 -24.18
CA GLU B 115 7.14 -25.13 -25.19
C GLU B 115 8.13 -24.68 -26.24
N GLY B 116 8.67 -23.47 -26.12
CA GLY B 116 9.54 -22.94 -27.18
C GLY B 116 8.83 -22.45 -28.44
N GLN B 117 7.50 -22.47 -28.46
CA GLN B 117 6.76 -21.87 -29.56
C GLN B 117 6.71 -20.34 -29.49
N ALA B 118 6.89 -19.71 -30.66
CA ALA B 118 6.68 -18.29 -30.85
C ALA B 118 5.20 -17.90 -31.00
N PHE B 119 4.90 -16.70 -30.52
CA PHE B 119 3.57 -16.14 -30.61
C PHE B 119 3.68 -14.66 -30.76
N GLU B 120 2.62 -14.07 -31.28
CA GLU B 120 2.53 -12.61 -31.50
C GLU B 120 1.11 -12.20 -31.27
N ILE B 121 0.95 -11.26 -30.36
CA ILE B 121 -0.36 -10.83 -29.95
C ILE B 121 -0.34 -9.32 -29.78
N GLU B 122 -1.51 -8.71 -29.77
CA GLU B 122 -1.61 -7.29 -29.60
C GLU B 122 -2.44 -7.08 -28.36
N ALA B 123 -2.06 -6.10 -27.59
CA ALA B 123 -2.60 -5.91 -26.26
C ALA B 123 -2.92 -4.45 -26.00
N ASP B 124 -4.00 -4.21 -25.27
CA ASP B 124 -4.28 -2.89 -24.74
C ASP B 124 -4.64 -3.14 -23.29
N GLY B 125 -5.24 -2.14 -22.62
CA GLY B 125 -5.76 -2.31 -21.28
C GLY B 125 -4.63 -2.64 -20.31
N LEU B 126 -4.97 -3.56 -19.41
CA LEU B 126 -4.14 -3.98 -18.33
C LEU B 126 -2.91 -4.75 -18.87
N LEU B 127 -3.14 -5.66 -19.84
CA LEU B 127 -2.05 -6.39 -20.51
C LEU B 127 -0.93 -5.48 -21.02
N ALA B 128 -1.27 -4.44 -21.78
CA ALA B 128 -0.31 -3.49 -22.26
C ALA B 128 0.46 -2.81 -21.12
N VAL B 129 -0.24 -2.39 -20.10
CA VAL B 129 0.38 -1.78 -18.90
C VAL B 129 1.41 -2.80 -18.33
N CYS B 130 0.93 -4.03 -18.13
CA CYS B 130 1.67 -5.06 -17.36
C CYS B 130 2.87 -5.59 -18.11
N ILE B 131 2.73 -5.84 -19.40
CA ILE B 131 3.88 -6.29 -20.17
C ILE B 131 5.02 -5.25 -20.27
N GLN B 132 4.65 -3.96 -20.37
CA GLN B 132 5.65 -2.90 -20.45
C GLN B 132 6.38 -2.71 -19.12
N HIS B 133 5.65 -2.77 -18.01
CA HIS B 133 6.23 -2.81 -16.65
C HIS B 133 7.22 -3.96 -16.52
N GLU B 134 6.80 -5.15 -16.94
CA GLU B 134 7.66 -6.32 -16.70
C GLU B 134 8.86 -6.33 -17.65
N MET B 135 8.68 -5.89 -18.90
CA MET B 135 9.83 -5.64 -19.81
C MET B 135 10.86 -4.66 -19.22
N ASP B 136 10.35 -3.61 -18.59
CA ASP B 136 11.23 -2.66 -17.89
C ASP B 136 12.14 -3.38 -16.88
N HIS B 137 11.59 -4.31 -16.06
CA HIS B 137 12.44 -5.12 -15.15
C HIS B 137 13.66 -5.75 -15.82
N LEU B 138 13.43 -6.35 -17.00
CA LEU B 138 14.47 -7.04 -17.73
C LEU B 138 15.56 -6.08 -18.29
N ASN B 139 15.26 -4.78 -18.38
CA ASN B 139 16.23 -3.77 -18.71
C ASN B 139 16.65 -2.95 -17.45
N GLY B 140 16.50 -3.51 -16.26
CA GLY B 140 17.00 -2.89 -15.01
C GLY B 140 16.25 -1.67 -14.53
N LYS B 141 15.01 -1.52 -14.99
CA LYS B 141 14.18 -0.40 -14.70
C LYS B 141 12.95 -0.74 -13.82
N LEU B 142 12.69 0.18 -12.88
CA LEU B 142 11.53 0.14 -12.00
C LEU B 142 10.57 1.27 -12.32
N PHE B 143 9.27 1.06 -12.03
CA PHE B 143 8.22 2.11 -12.23
C PHE B 143 8.43 3.40 -11.39
N VAL B 144 9.12 3.27 -10.25
CA VAL B 144 9.56 4.46 -9.49
C VAL B 144 10.51 5.38 -10.31
N ASP B 145 11.16 4.88 -11.37
CA ASP B 145 12.11 5.73 -12.14
C ASP B 145 11.44 6.82 -12.99
N TYR B 146 10.15 6.62 -13.26
CA TYR B 146 9.30 7.59 -13.93
C TYR B 146 8.70 8.64 -12.97
N LEU B 147 8.96 8.56 -11.65
CA LEU B 147 8.38 9.49 -10.70
C LEU B 147 9.42 10.57 -10.39
N SER B 148 8.98 11.60 -9.69
CA SER B 148 9.86 12.67 -9.26
C SER B 148 10.75 12.10 -8.15
N PRO B 149 12.02 12.63 -8.03
CA PRO B 149 13.03 12.15 -7.07
C PRO B 149 12.54 12.12 -5.64
N LEU B 150 11.67 13.04 -5.28
CA LEU B 150 11.06 13.07 -3.94
C LEU B 150 10.13 11.88 -3.71
N LYS B 151 9.30 11.59 -4.70
CA LYS B 151 8.40 10.43 -4.66
C LYS B 151 9.21 9.10 -4.58
N ARG B 152 10.29 9.03 -5.35
CA ARG B 152 11.21 7.91 -5.32
C ARG B 152 11.78 7.75 -3.94
N GLN B 153 12.33 8.86 -3.44
CA GLN B 153 12.89 8.99 -2.07
C GLN B 153 12.03 8.46 -0.92
N ARG B 154 10.80 8.96 -0.86
CA ARG B 154 9.79 8.48 0.08
C ARG B 154 9.45 6.99 -0.10
N ALA B 155 9.45 6.53 -1.36
CA ALA B 155 9.17 5.15 -1.69
C ALA B 155 10.24 4.26 -1.14
N ARG B 156 11.50 4.64 -1.35
CA ARG B 156 12.64 3.99 -0.72
C ARG B 156 12.62 3.88 0.82
N GLU B 157 12.39 5.01 1.48
CA GLU B 157 12.34 5.08 2.95
C GLU B 157 11.18 4.26 3.46
N LYS B 158 10.04 4.35 2.81
CA LYS B 158 8.90 3.54 3.18
C LYS B 158 9.18 2.03 2.97
N VAL B 159 9.77 1.66 1.83
CA VAL B 159 10.00 0.25 1.53
C VAL B 159 10.98 -0.36 2.56
N GLU B 160 12.01 0.40 2.96
CA GLU B 160 12.96 -0.15 3.93
C GLU B 160 12.26 -0.44 5.27
N LYS B 161 11.27 0.36 5.61
CA LYS B 161 10.44 0.09 6.76
C LYS B 161 9.53 -1.10 6.66
N ILE B 162 8.92 -1.32 5.51
CA ILE B 162 8.12 -2.57 5.29
C ILE B 162 8.97 -3.81 5.36
N VAL B 163 10.16 -3.76 4.78
CA VAL B 163 11.08 -4.92 4.75
C VAL B 163 11.53 -5.26 6.18
N ARG B 164 11.95 -4.24 6.91
CA ARG B 164 12.26 -4.36 8.31
C ARG B 164 11.10 -4.98 9.11
N GLN B 165 9.84 -4.55 8.86
CA GLN B 165 8.66 -5.16 9.55
C GLN B 165 8.43 -6.57 9.15
N ARG B 166 8.62 -6.85 7.86
CA ARG B 166 8.53 -8.24 7.41
C ARG B 166 9.64 -9.14 8.04
N GLU B 167 10.87 -8.63 8.23
CA GLU B 167 11.86 -9.42 8.98
C GLU B 167 11.48 -9.69 10.42
N ARG B 168 11.04 -8.64 11.11
CA ARG B 168 10.53 -8.71 12.48
C ARG B 168 9.37 -9.68 12.68
N GLU B 169 8.47 -9.70 11.71
CA GLU B 169 7.41 -10.70 11.57
C GLU B 169 7.90 -12.15 11.60
N LYS B 170 9.04 -12.43 10.94
CA LYS B 170 9.59 -13.77 10.95
C LYS B 170 10.14 -14.23 12.35
N VAL B 171 10.62 -13.29 13.13
CA VAL B 171 11.14 -13.57 14.48
C VAL B 171 10.02 -13.84 15.49
N ALA B 172 8.92 -13.08 15.40
CA ALA B 172 7.67 -13.47 16.09
C ALA B 172 7.13 -14.75 15.46
ZN ZN C . -5.58 8.38 16.26
ZN ZN D . 7.49 -4.77 -10.99
N LHY E . 4.01 -7.58 -9.72
CA LHY E . 3.12 -6.39 -9.55
C LHY E . 1.79 -6.64 -8.87
O LHY E . 1.46 -6.24 -7.64
CB LHY E . 2.91 -5.87 -11.00
CG LHY E . 1.99 -4.70 -11.38
CD1 LHY E . 1.04 -4.06 -10.54
CD2 LHY E . 2.08 -4.30 -12.72
CE1 LHY E . 0.24 -3.00 -11.03
CE2 LHY E . 1.29 -3.26 -13.22
CZ LHY E . 0.38 -2.63 -12.37
OXT LHY E . 0.92 -7.23 -9.44
C1 LHY E . 5.34 -7.41 -9.78
O1 LHY E . 6.01 -7.08 -8.83
N2 LHY E . 5.83 -7.23 -11.02
O2 LHY E . 6.88 -6.37 -11.39
#